data_3SAS
#
_entry.id   3SAS
#
_cell.length_a   45.393
_cell.length_b   96.029
_cell.length_c   103.369
_cell.angle_alpha   90.00
_cell.angle_beta   90.00
_cell.angle_gamma   90.00
#
_symmetry.space_group_name_H-M   'P 21 21 21'
#
loop_
_entity.id
_entity.type
_entity.pdbx_description
1 polymer 'DNA GLYCOSYLASE'
2 polymer "5'-D(*A*GP*GP*TP*AP*GP*AP*CP*TP*CP*GP*GP*AP*CP*GP*C)-3'"
3 polymer "5'-D(*T*GP*CP*GP*TP*CP*CP*GP*AP*GP*(TX2) P*CP*TP*AP*CP*C)-3'"
4 non-polymer 'ZINC ION'
5 water water
#
loop_
_entity_poly.entity_id
_entity_poly.type
_entity_poly.pdbx_seq_one_letter_code
_entity_poly.pdbx_strand_id
1 'polypeptide(L)'
;PELPEVETIRRTLLPLIVGKTIEDVRIFWPNIIRHPRDSEAFAARMIGQTVRGLERRGKFLKFLLDRDALISHLRMEGRY
AVASALEPLEPHTHVVFCFTDGSELRYRDVAKFGTMHVYAKEEADRRPPLAELGPEPLSPAFSPAVLAERAVKTKRSVKA
LLLDCTVVAGFGNIYVDESLFRAGILPGRPAASLSSKEIERLHEEMVATIGEAVMKGGSTVRTYVNTQGEAGTFQHHLYV
YGRQGNPCKRCGTPIEKTVVAGRGTHYCPRCQR
;
A
2 'polydeoxyribonucleotide' (DA)(DG)(DG)(DT)(DA)(DG)(DA)(DC)(DT)(DC)(DG)(DG)(DA)(DC)(DG)(DC) B
3 'polydeoxyribonucleotide' (DT)(DG)(DC)(DG)(DT)(DC)(DC)(DG)(DA)(DG)(TX2)(DC)(DT)(DA)(DC)(DC) C
#
loop_
_chem_comp.id
_chem_comp.type
_chem_comp.name
_chem_comp.formula
DA DNA linking 2'-DEOXYADENOSINE-5'-MONOPHOSPHATE 'C10 H14 N5 O6 P'
DC DNA linking 2'-DEOXYCYTIDINE-5'-MONOPHOSPHATE 'C9 H14 N3 O7 P'
DG DNA linking 2'-DEOXYGUANOSINE-5'-MONOPHOSPHATE 'C10 H14 N5 O7 P'
DT DNA linking THYMIDINE-5'-MONOPHOSPHATE 'C10 H15 N2 O8 P'
TX2 DNA linking 5'-O-{(R)-hydroxy[(2-sulfanylethyl)amino]phosphoryl}thymidine 'C12 H20 N3 O7 P S'
ZN non-polymer 'ZINC ION' 'Zn 2'
#
# COMPACT_ATOMS: atom_id res chain seq x y z
N PRO A 1 -4.52 5.66 -0.83
CA PRO A 1 -4.88 5.02 0.45
C PRO A 1 -3.68 4.31 1.08
N GLU A 2 -3.70 4.18 2.41
CA GLU A 2 -2.72 3.37 3.14
C GLU A 2 -3.16 1.91 3.22
N LEU A 3 -2.28 1.05 3.72
CA LEU A 3 -2.51 -0.37 3.74
C LEU A 3 -3.89 -0.73 4.29
N PRO A 4 -4.25 -0.19 5.45
CA PRO A 4 -5.55 -0.55 6.04
C PRO A 4 -6.73 -0.19 5.12
N GLU A 5 -6.66 0.95 4.44
CA GLU A 5 -7.76 1.30 3.56
C GLU A 5 -7.77 0.40 2.31
N VAL A 6 -6.58 0.01 1.84
CA VAL A 6 -6.49 -0.89 0.70
C VAL A 6 -7.09 -2.24 1.07
N GLU A 7 -6.85 -2.71 2.29
CA GLU A 7 -7.46 -3.95 2.78
C GLU A 7 -8.98 -3.86 2.81
N THR A 8 -9.49 -2.68 3.18
CA THR A 8 -10.93 -2.46 3.19
C THR A 8 -11.48 -2.50 1.75
N ILE A 9 -10.78 -1.88 0.81
CA ILE A 9 -11.18 -1.94 -0.59
C ILE A 9 -11.19 -3.39 -1.08
N ARG A 10 -10.13 -4.12 -0.78
CA ARG A 10 -10.03 -5.53 -1.12
C ARG A 10 -11.22 -6.32 -0.61
N ARG A 11 -11.51 -6.16 0.67
CA ARG A 11 -12.54 -6.95 1.33
C ARG A 11 -13.93 -6.63 0.76
N THR A 12 -14.18 -5.36 0.46
CA THR A 12 -15.51 -4.95 0.03
C THR A 12 -15.70 -5.09 -1.48
N LEU A 13 -14.65 -4.85 -2.24
CA LEU A 13 -14.72 -5.02 -3.69
C LEU A 13 -14.97 -6.48 -4.11
N LEU A 14 -14.37 -7.42 -3.39
CA LEU A 14 -14.36 -8.83 -3.82
C LEU A 14 -15.74 -9.43 -4.15
N PRO A 15 -16.71 -9.35 -3.23
CA PRO A 15 -18.04 -9.91 -3.49
C PRO A 15 -18.73 -9.22 -4.67
N LEU A 16 -18.33 -7.99 -4.97
CA LEU A 16 -18.98 -7.24 -6.05
C LEU A 16 -18.49 -7.63 -7.42
N ILE A 17 -17.37 -8.36 -7.49
CA ILE A 17 -16.82 -8.79 -8.78
C ILE A 17 -16.55 -10.29 -8.91
N VAL A 18 -16.52 -11.00 -7.80
CA VAL A 18 -16.17 -12.42 -7.88
C VAL A 18 -17.15 -13.18 -8.78
N GLY A 19 -16.62 -14.06 -9.62
CA GLY A 19 -17.42 -14.87 -10.51
C GLY A 19 -17.90 -14.15 -11.75
N LYS A 20 -17.55 -12.87 -11.91
CA LYS A 20 -17.97 -12.15 -13.12
C LYS A 20 -16.97 -12.35 -14.23
N THR A 21 -17.48 -12.42 -15.46
CA THR A 21 -16.65 -12.65 -16.63
C THR A 21 -16.46 -11.39 -17.45
N ILE A 22 -15.20 -11.10 -17.81
CA ILE A 22 -14.88 -9.89 -18.54
C ILE A 22 -15.23 -10.04 -20.00
N GLU A 23 -15.98 -9.07 -20.52
CA GLU A 23 -16.45 -9.07 -21.89
C GLU A 23 -15.68 -8.01 -22.68
N ASP A 24 -15.22 -6.98 -21.99
CA ASP A 24 -14.48 -5.92 -22.67
C ASP A 24 -13.62 -5.18 -21.67
N VAL A 25 -12.54 -4.58 -22.17
CA VAL A 25 -11.73 -3.71 -21.33
C VAL A 25 -11.50 -2.43 -22.11
N ARG A 26 -11.92 -1.30 -21.55
CA ARG A 26 -11.81 -0.03 -22.25
C ARG A 26 -10.82 0.86 -21.51
N ILE A 27 -9.89 1.45 -22.25
CA ILE A 27 -8.81 2.22 -21.66
C ILE A 27 -8.78 3.64 -22.22
N PHE A 28 -8.86 4.63 -21.34
CA PHE A 28 -8.93 6.02 -21.76
C PHE A 28 -7.68 6.80 -21.38
N TRP A 29 -6.81 6.17 -20.59
CA TRP A 29 -5.50 6.76 -20.32
C TRP A 29 -4.47 5.63 -20.28
N PRO A 30 -3.93 5.25 -21.46
CA PRO A 30 -3.09 4.06 -21.63
C PRO A 30 -1.83 4.10 -20.76
N ASN A 31 -1.40 5.28 -20.33
CA ASN A 31 -0.17 5.37 -19.54
C ASN A 31 -0.26 4.64 -18.21
N ILE A 32 -1.48 4.42 -17.74
CA ILE A 32 -1.70 3.69 -16.49
C ILE A 32 -1.30 2.21 -16.65
N ILE A 33 -1.46 1.68 -17.86
CA ILE A 33 -1.10 0.31 -18.16
C ILE A 33 0.41 0.18 -18.32
N ARG A 34 1.06 -0.55 -17.41
CA ARG A 34 2.51 -0.67 -17.43
C ARG A 34 2.97 -2.03 -17.96
N HIS A 35 2.15 -3.06 -17.83
CA HIS A 35 2.46 -4.34 -18.47
C HIS A 35 1.23 -5.15 -18.81
N PRO A 36 1.16 -5.68 -20.03
CA PRO A 36 2.04 -5.44 -21.18
C PRO A 36 2.05 -3.95 -21.50
N ARG A 37 3.15 -3.46 -22.05
CA ARG A 37 3.32 -2.02 -22.27
C ARG A 37 2.28 -1.52 -23.26
N ASP A 38 1.99 -2.34 -24.28
CA ASP A 38 0.90 -2.10 -25.23
C ASP A 38 -0.47 -2.32 -24.58
N SER A 39 -1.20 -1.22 -24.39
CA SER A 39 -2.48 -1.30 -23.71
C SER A 39 -3.50 -2.19 -24.44
N GLU A 40 -3.34 -2.33 -25.76
CA GLU A 40 -4.25 -3.18 -26.53
C GLU A 40 -4.06 -4.66 -26.20
N ALA A 41 -2.83 -5.06 -25.90
CA ALA A 41 -2.52 -6.44 -25.53
C ALA A 41 -3.07 -6.69 -24.14
N PHE A 42 -2.91 -5.71 -23.26
CA PHE A 42 -3.51 -5.69 -21.92
C PHE A 42 -5.01 -5.96 -22.01
N ALA A 43 -5.70 -5.17 -22.82
CA ALA A 43 -7.15 -5.36 -22.97
C ALA A 43 -7.51 -6.72 -23.57
N ALA A 44 -6.84 -7.11 -24.65
CA ALA A 44 -7.18 -8.37 -25.30
C ALA A 44 -6.98 -9.59 -24.40
N ARG A 45 -5.91 -9.60 -23.60
CA ARG A 45 -5.66 -10.83 -22.85
C ARG A 45 -6.68 -11.06 -21.73
N MET A 46 -7.26 -9.98 -21.24
CA MET A 46 -8.18 -10.11 -20.11
C MET A 46 -9.58 -10.54 -20.54
N ILE A 47 -9.94 -10.22 -21.78
CA ILE A 47 -11.26 -10.58 -22.31
C ILE A 47 -11.52 -12.08 -22.20
N GLY A 48 -12.67 -12.45 -21.64
CA GLY A 48 -12.99 -13.85 -21.50
C GLY A 48 -12.60 -14.46 -20.16
N GLN A 49 -11.78 -13.77 -19.36
CA GLN A 49 -11.42 -14.35 -18.07
C GLN A 49 -12.46 -13.96 -17.03
N THR A 50 -12.62 -14.83 -16.05
CA THR A 50 -13.51 -14.62 -14.92
C THR A 50 -12.72 -14.23 -13.68
N VAL A 51 -13.24 -13.28 -12.92
CA VAL A 51 -12.61 -12.88 -11.65
C VAL A 51 -12.81 -13.99 -10.60
N ARG A 52 -11.70 -14.53 -10.09
CA ARG A 52 -11.74 -15.60 -9.09
C ARG A 52 -11.35 -15.16 -7.69
N GLY A 53 -10.68 -14.02 -7.55
CA GLY A 53 -10.33 -13.56 -6.21
C GLY A 53 -9.69 -12.19 -6.24
N LEU A 54 -9.42 -11.68 -5.05
CA LEU A 54 -8.81 -10.37 -4.91
C LEU A 54 -7.97 -10.38 -3.63
N GLU A 55 -6.67 -10.25 -3.80
CA GLU A 55 -5.79 -10.29 -2.67
C GLU A 55 -5.10 -8.94 -2.57
N ARG A 56 -4.34 -8.73 -1.49
CA ARG A 56 -3.60 -7.49 -1.29
C ARG A 56 -2.16 -7.83 -0.90
N ARG A 57 -1.19 -7.15 -1.49
CA ARG A 57 0.19 -7.24 -1.04
C ARG A 57 0.65 -5.83 -0.85
N GLY A 58 1.07 -5.49 0.37
CA GLY A 58 1.41 -4.11 0.66
C GLY A 58 0.23 -3.23 0.33
N LYS A 59 0.47 -2.20 -0.47
CA LYS A 59 -0.61 -1.33 -0.94
C LYS A 59 -1.11 -1.71 -2.35
N PHE A 60 -0.62 -2.83 -2.87
CA PHE A 60 -1.04 -3.32 -4.20
C PHE A 60 -2.24 -4.22 -4.05
N LEU A 61 -3.21 -4.04 -4.94
CA LEU A 61 -4.29 -4.99 -5.09
C LEU A 61 -3.91 -6.01 -6.14
N LYS A 62 -4.19 -7.27 -5.87
CA LYS A 62 -3.97 -8.32 -6.84
C LYS A 62 -5.30 -8.98 -7.21
N PHE A 63 -5.84 -8.62 -8.37
CA PHE A 63 -7.05 -9.28 -8.90
C PHE A 63 -6.63 -10.59 -9.53
N LEU A 64 -7.21 -11.69 -9.08
CA LEU A 64 -6.89 -12.99 -9.63
C LEU A 64 -7.97 -13.43 -10.61
N LEU A 65 -7.55 -13.74 -11.82
CA LEU A 65 -8.50 -14.11 -12.86
C LEU A 65 -8.29 -15.60 -13.13
N ASP A 66 -8.63 -16.05 -14.34
CA ASP A 66 -8.47 -17.47 -14.66
C ASP A 66 -7.01 -17.83 -14.85
N ARG A 67 -6.36 -17.13 -15.77
CA ARG A 67 -4.96 -17.36 -16.07
C ARG A 67 -4.07 -16.24 -15.51
N ASP A 68 -4.57 -15.01 -15.56
CA ASP A 68 -3.76 -13.84 -15.19
C ASP A 68 -4.04 -13.28 -13.82
N ALA A 69 -3.08 -12.52 -13.30
CA ALA A 69 -3.29 -11.63 -12.16
C ALA A 69 -3.14 -10.20 -12.66
N LEU A 70 -4.01 -9.31 -12.19
CA LEU A 70 -3.89 -7.89 -12.43
C LEU A 70 -3.38 -7.21 -11.16
N ILE A 71 -2.19 -6.64 -11.24
CA ILE A 71 -1.61 -5.93 -10.11
C ILE A 71 -1.88 -4.43 -10.22
N SER A 72 -2.55 -3.88 -9.22
CA SER A 72 -3.03 -2.50 -9.31
C SER A 72 -2.55 -1.68 -8.12
N HIS A 73 -1.97 -0.52 -8.38
CA HIS A 73 -1.60 0.40 -7.30
C HIS A 73 -2.37 1.69 -7.48
N LEU A 74 -3.11 2.09 -6.45
CA LEU A 74 -3.95 3.28 -6.52
C LEU A 74 -3.15 4.59 -6.38
N ARG A 75 -1.94 4.49 -5.85
CA ARG A 75 -1.20 5.69 -5.47
C ARG A 75 -2.09 6.62 -4.65
N MET A 76 -2.15 7.90 -5.01
CA MET A 76 -2.87 8.90 -4.19
C MET A 76 -4.39 8.91 -4.38
N GLU A 77 -4.83 8.87 -5.64
CA GLU A 77 -6.22 9.17 -5.97
C GLU A 77 -6.99 8.02 -6.65
N GLY A 78 -6.33 6.90 -6.89
CA GLY A 78 -6.97 5.77 -7.54
C GLY A 78 -8.14 5.22 -6.72
N ARG A 79 -9.25 4.94 -7.41
CA ARG A 79 -10.45 4.36 -6.77
C ARG A 79 -11.21 3.44 -7.73
N TYR A 80 -11.77 2.37 -7.19
CA TYR A 80 -12.54 1.39 -7.95
C TYR A 80 -13.97 1.50 -7.52
N ALA A 81 -14.90 1.35 -8.46
CA ALA A 81 -16.31 1.23 -8.14
C ALA A 81 -16.92 0.25 -9.11
N VAL A 82 -18.01 -0.39 -8.70
CA VAL A 82 -18.72 -1.28 -9.60
C VAL A 82 -20.06 -0.64 -9.88
N ALA A 83 -20.44 -0.57 -11.15
CA ALA A 83 -21.67 0.13 -11.50
C ALA A 83 -22.22 -0.38 -12.82
N SER A 84 -23.43 0.05 -13.17
CA SER A 84 -24.07 -0.39 -14.42
C SER A 84 -23.44 0.24 -15.67
N ALA A 85 -23.31 -0.55 -16.73
CA ALA A 85 -22.86 -0.03 -18.02
C ALA A 85 -23.88 0.94 -18.62
N LEU A 86 -25.09 0.97 -18.09
CA LEU A 86 -26.13 1.86 -18.64
C LEU A 86 -25.98 3.30 -18.17
N GLU A 87 -25.19 3.51 -17.12
CA GLU A 87 -25.05 4.82 -16.51
C GLU A 87 -23.81 5.57 -17.04
N PRO A 88 -23.88 6.90 -17.10
CA PRO A 88 -22.71 7.69 -17.54
C PRO A 88 -21.52 7.44 -16.63
N LEU A 89 -20.33 7.34 -17.19
CA LEU A 89 -19.14 7.29 -16.35
C LEU A 89 -19.00 8.56 -15.53
N GLU A 90 -18.39 8.43 -14.36
CA GLU A 90 -17.99 9.58 -13.55
C GLU A 90 -16.69 10.17 -14.10
N PRO A 91 -16.37 11.42 -13.73
CA PRO A 91 -15.18 12.08 -14.26
C PRO A 91 -13.89 11.34 -13.88
N HIS A 92 -12.89 11.43 -14.74
CA HIS A 92 -11.57 10.85 -14.46
C HIS A 92 -11.59 9.31 -14.42
N THR A 93 -12.51 8.72 -15.17
CA THR A 93 -12.53 7.27 -15.33
C THR A 93 -11.57 6.89 -16.47
N HIS A 94 -10.50 6.19 -16.14
CA HIS A 94 -9.45 5.90 -17.10
C HIS A 94 -9.41 4.47 -17.60
N VAL A 95 -9.92 3.53 -16.79
CA VAL A 95 -10.00 2.14 -17.20
C VAL A 95 -11.34 1.56 -16.77
N VAL A 96 -11.98 0.80 -17.65
CA VAL A 96 -13.26 0.14 -17.34
C VAL A 96 -13.23 -1.33 -17.76
N PHE A 97 -13.53 -2.22 -16.83
CA PHE A 97 -13.62 -3.65 -17.14
C PHE A 97 -15.10 -3.96 -17.22
N CYS A 98 -15.55 -4.34 -18.40
CA CYS A 98 -16.99 -4.60 -18.62
C CYS A 98 -17.26 -6.09 -18.45
N PHE A 99 -18.24 -6.42 -17.62
CA PHE A 99 -18.57 -7.83 -17.37
C PHE A 99 -19.77 -8.25 -18.18
N THR A 100 -19.94 -9.57 -18.36
CA THR A 100 -21.02 -10.07 -19.20
C THR A 100 -22.42 -9.83 -18.62
N ASP A 101 -22.49 -9.47 -17.34
CA ASP A 101 -23.80 -9.23 -16.74
C ASP A 101 -24.26 -7.75 -16.81
N GLY A 102 -23.57 -6.94 -17.60
CA GLY A 102 -23.96 -5.54 -17.75
C GLY A 102 -23.42 -4.63 -16.66
N SER A 103 -22.64 -5.19 -15.74
CA SER A 103 -21.99 -4.34 -14.73
C SER A 103 -20.54 -4.06 -15.17
N GLU A 104 -19.89 -3.12 -14.49
CA GLU A 104 -18.54 -2.70 -14.86
C GLU A 104 -17.75 -2.43 -13.61
N LEU A 105 -16.47 -2.79 -13.63
CA LEU A 105 -15.54 -2.34 -12.61
C LEU A 105 -14.83 -1.14 -13.20
N ARG A 106 -15.04 0.04 -12.61
CA ARG A 106 -14.46 1.28 -13.13
C ARG A 106 -13.28 1.75 -12.28
N TYR A 107 -12.21 2.15 -12.95
CA TYR A 107 -11.05 2.69 -12.25
C TYR A 107 -11.00 4.20 -12.49
N ARG A 108 -11.08 4.99 -11.42
CA ARG A 108 -10.98 6.45 -11.51
C ARG A 108 -9.70 6.91 -10.83
N ASP A 109 -9.10 7.99 -11.34
CA ASP A 109 -7.81 8.44 -10.82
C ASP A 109 -7.52 9.85 -11.33
N VAL A 110 -7.96 10.87 -10.60
CA VAL A 110 -7.77 12.23 -11.09
C VAL A 110 -6.28 12.55 -11.34
N ALA A 111 -5.41 12.05 -10.46
CA ALA A 111 -3.97 12.28 -10.59
C ALA A 111 -3.32 11.52 -11.75
N LYS A 112 -3.94 10.40 -12.15
CA LYS A 112 -3.36 9.53 -13.16
C LYS A 112 -2.01 8.99 -12.74
N PHE A 113 -1.82 8.79 -11.44
CA PHE A 113 -0.57 8.21 -10.93
C PHE A 113 -0.60 6.69 -10.72
N GLY A 114 -1.79 6.11 -10.68
CA GLY A 114 -1.92 4.68 -10.42
C GLY A 114 -1.36 3.83 -11.56
N THR A 115 -1.07 2.58 -11.26
CA THR A 115 -0.48 1.68 -12.25
C THR A 115 -1.23 0.35 -12.31
N MET A 116 -1.18 -0.28 -13.49
CA MET A 116 -1.70 -1.65 -13.63
C MET A 116 -0.68 -2.49 -14.40
N HIS A 117 -0.40 -3.67 -13.87
CA HIS A 117 0.45 -4.67 -14.54
C HIS A 117 -0.31 -6.00 -14.62
N VAL A 118 -0.30 -6.66 -15.77
CA VAL A 118 -0.91 -7.99 -15.88
C VAL A 118 0.12 -9.04 -16.30
N TYR A 119 0.17 -10.15 -15.55
CA TYR A 119 1.04 -11.30 -15.83
C TYR A 119 0.25 -12.59 -15.60
N ALA A 120 0.73 -13.69 -16.16
CA ALA A 120 0.26 -15.00 -15.73
C ALA A 120 0.38 -15.03 -14.21
N LYS A 121 -0.62 -15.59 -13.54
CA LYS A 121 -0.66 -15.58 -12.07
C LYS A 121 0.62 -16.09 -11.44
N GLU A 122 1.17 -17.16 -12.00
CA GLU A 122 2.34 -17.78 -11.40
C GLU A 122 3.60 -16.92 -11.51
N GLU A 123 3.53 -15.86 -12.32
CA GLU A 123 4.69 -14.97 -12.52
C GLU A 123 4.62 -13.67 -11.73
N ALA A 124 3.41 -13.28 -11.33
CA ALA A 124 3.18 -11.97 -10.76
C ALA A 124 4.12 -11.67 -9.58
N ASP A 125 4.37 -12.66 -8.73
CA ASP A 125 5.13 -12.41 -7.52
C ASP A 125 6.63 -12.21 -7.74
N ARG A 126 7.11 -12.58 -8.93
CA ARG A 126 8.53 -12.44 -9.24
C ARG A 126 8.79 -11.40 -10.33
N ARG A 127 7.79 -10.56 -10.62
CA ARG A 127 7.94 -9.52 -11.62
C ARG A 127 7.60 -8.17 -10.97
N PRO A 128 8.01 -7.07 -11.60
CA PRO A 128 7.61 -5.78 -11.04
C PRO A 128 6.10 -5.67 -11.16
N PRO A 129 5.46 -4.94 -10.23
CA PRO A 129 6.07 -4.23 -9.12
C PRO A 129 6.16 -5.06 -7.83
N LEU A 130 5.66 -6.28 -7.83
CA LEU A 130 5.65 -7.09 -6.60
C LEU A 130 7.01 -7.71 -6.23
N ALA A 131 7.87 -7.92 -7.22
CA ALA A 131 9.15 -8.56 -6.96
C ALA A 131 9.86 -7.74 -5.88
N GLU A 132 10.46 -8.42 -4.90
CA GLU A 132 11.27 -7.74 -3.87
C GLU A 132 10.45 -7.21 -2.71
N LEU A 133 9.14 -7.10 -2.89
CA LEU A 133 8.29 -6.57 -1.82
C LEU A 133 8.52 -7.34 -0.51
N GLY A 134 8.74 -6.61 0.59
CA GLY A 134 8.95 -7.22 1.89
C GLY A 134 7.71 -7.89 2.47
N PRO A 135 7.88 -8.60 3.59
CA PRO A 135 6.80 -9.36 4.22
C PRO A 135 5.64 -8.49 4.66
N GLU A 136 4.46 -9.10 4.77
CA GLU A 136 3.28 -8.39 5.27
C GLU A 136 3.48 -8.05 6.74
N PRO A 137 3.21 -6.80 7.11
CA PRO A 137 3.51 -6.35 8.48
C PRO A 137 2.76 -7.16 9.52
N LEU A 138 1.57 -7.66 9.16
CA LEU A 138 0.77 -8.39 10.15
C LEU A 138 1.00 -9.88 10.07
N SER A 139 2.05 -10.29 9.37
CA SER A 139 2.34 -11.71 9.20
C SER A 139 3.55 -12.10 10.04
N PRO A 140 3.65 -13.39 10.39
CA PRO A 140 4.77 -13.89 11.18
C PRO A 140 6.09 -13.75 10.43
N ALA A 141 6.01 -13.60 9.11
CA ALA A 141 7.20 -13.37 8.29
C ALA A 141 7.87 -12.05 8.67
N PHE A 142 7.08 -11.09 9.12
CA PHE A 142 7.65 -9.85 9.64
C PHE A 142 7.82 -9.99 11.15
N SER A 143 9.06 -10.14 11.58
CA SER A 143 9.35 -10.44 12.98
C SER A 143 10.46 -9.54 13.49
N PRO A 144 10.57 -9.41 14.82
CA PRO A 144 11.68 -8.66 15.40
C PRO A 144 13.01 -9.12 14.83
N ALA A 145 13.15 -10.42 14.66
CA ALA A 145 14.39 -10.99 14.16
C ALA A 145 14.69 -10.47 12.76
N VAL A 146 13.66 -10.44 11.92
CA VAL A 146 13.82 -9.94 10.56
C VAL A 146 14.22 -8.48 10.57
N LEU A 147 13.54 -7.70 11.41
CA LEU A 147 13.79 -6.27 11.50
C LEU A 147 15.22 -6.02 12.02
N ALA A 148 15.58 -6.72 13.09
CA ALA A 148 16.93 -6.61 13.63
C ALA A 148 18.00 -6.88 12.58
N GLU A 149 17.80 -7.91 11.76
CA GLU A 149 18.78 -8.27 10.75
C GLU A 149 19.01 -7.15 9.75
N ARG A 150 17.93 -6.53 9.27
CA ARG A 150 18.08 -5.40 8.36
C ARG A 150 18.65 -4.17 9.07
N ALA A 151 18.27 -3.96 10.33
CA ALA A 151 18.75 -2.81 11.09
C ALA A 151 20.27 -2.85 11.31
N VAL A 152 20.76 -3.95 11.86
CA VAL A 152 22.19 -4.08 12.14
C VAL A 152 23.02 -3.91 10.87
N LYS A 153 22.55 -4.45 9.76
CA LYS A 153 23.33 -4.49 8.52
C LYS A 153 23.46 -3.14 7.82
N THR A 154 22.52 -2.23 8.08
CA THR A 154 22.49 -0.96 7.39
C THR A 154 23.13 0.14 8.22
N LYS A 155 23.40 1.28 7.58
CA LYS A 155 23.97 2.42 8.28
C LYS A 155 22.99 3.58 8.33
N ARG A 156 22.00 3.57 7.43
CA ARG A 156 21.04 4.68 7.33
C ARG A 156 20.12 4.79 8.54
N SER A 157 19.21 5.75 8.47
CA SER A 157 18.36 6.08 9.62
C SER A 157 17.26 5.05 9.80
N VAL A 158 16.71 4.97 11.01
CA VAL A 158 15.62 4.03 11.25
C VAL A 158 14.42 4.38 10.37
N LYS A 159 14.17 5.67 10.14
CA LYS A 159 13.07 6.04 9.26
C LYS A 159 13.27 5.54 7.84
N ALA A 160 14.48 5.72 7.31
CA ALA A 160 14.81 5.26 5.98
C ALA A 160 14.58 3.76 5.88
N LEU A 161 15.02 3.03 6.91
CA LEU A 161 14.83 1.59 6.95
C LEU A 161 13.36 1.20 6.83
N LEU A 162 12.49 1.87 7.58
CA LEU A 162 11.09 1.48 7.62
C LEU A 162 10.34 1.89 6.37
N LEU A 163 10.89 2.88 5.65
CA LEU A 163 10.30 3.32 4.39
C LEU A 163 10.72 2.41 3.22
N ASP A 164 11.69 1.55 3.49
CA ASP A 164 12.17 0.61 2.48
C ASP A 164 11.15 -0.52 2.27
N CYS A 165 10.49 -0.53 1.11
CA CYS A 165 9.46 -1.54 0.80
C CYS A 165 9.97 -2.99 0.78
N THR A 166 11.29 -3.19 0.64
CA THR A 166 11.87 -4.54 0.72
C THR A 166 11.95 -5.00 2.17
N VAL A 167 11.94 -4.06 3.08
CA VAL A 167 12.04 -4.37 4.50
C VAL A 167 10.71 -4.91 5.03
N VAL A 168 9.63 -4.25 4.65
CA VAL A 168 8.29 -4.61 5.11
C VAL A 168 7.34 -3.94 4.14
N ALA A 169 6.20 -4.59 3.87
CA ALA A 169 5.27 -4.09 2.86
C ALA A 169 4.29 -3.04 3.41
N GLY A 170 4.16 -1.93 2.68
CA GLY A 170 3.09 -0.99 2.95
C GLY A 170 3.26 0.03 4.06
N PHE A 171 4.49 0.28 4.50
CA PHE A 171 4.71 1.33 5.49
C PHE A 171 5.06 2.66 4.84
N GLY A 172 4.16 3.63 4.94
CA GLY A 172 4.39 4.94 4.37
C GLY A 172 4.85 5.98 5.38
N ASN A 173 5.12 7.20 4.92
CA ASN A 173 5.62 8.29 5.76
C ASN A 173 4.82 8.36 7.05
N ILE A 174 3.51 8.23 6.94
CA ILE A 174 2.64 8.43 8.07
C ILE A 174 2.83 7.37 9.15
N TYR A 175 2.73 6.12 8.74
CA TYR A 175 2.76 5.02 9.72
C TYR A 175 4.14 4.84 10.34
N VAL A 176 5.17 5.17 9.58
CA VAL A 176 6.53 5.21 10.07
C VAL A 176 6.64 6.24 11.22
N ASP A 177 6.15 7.45 10.98
CA ASP A 177 6.23 8.51 12.00
C ASP A 177 5.49 8.11 13.26
N GLU A 178 4.27 7.63 13.09
CA GLU A 178 3.44 7.21 14.21
C GLU A 178 4.05 6.03 14.99
N SER A 179 4.56 5.03 14.27
CA SER A 179 5.15 3.85 14.91
C SER A 179 6.37 4.26 15.73
N LEU A 180 7.20 5.12 15.15
CA LEU A 180 8.40 5.56 15.83
C LEU A 180 8.03 6.36 17.07
N PHE A 181 6.94 7.12 17.00
CA PHE A 181 6.52 7.87 18.17
C PHE A 181 6.08 6.94 19.29
N ARG A 182 5.28 5.93 18.95
CA ARG A 182 4.76 5.01 19.94
C ARG A 182 5.84 4.12 20.55
N ALA A 183 6.89 3.86 19.77
CA ALA A 183 8.02 3.07 20.27
C ALA A 183 9.05 3.93 21.02
N GLY A 184 8.88 5.25 21.00
CA GLY A 184 9.78 6.15 21.68
C GLY A 184 11.15 6.31 21.04
N ILE A 185 11.20 6.22 19.72
CA ILE A 185 12.46 6.23 19.00
C ILE A 185 12.53 7.39 18.00
N LEU A 186 13.59 8.19 18.09
CA LEU A 186 13.78 9.29 17.15
C LEU A 186 14.04 8.77 15.74
N PRO A 187 13.38 9.37 14.74
CA PRO A 187 13.39 8.83 13.37
C PRO A 187 14.76 8.97 12.70
N GLY A 188 15.58 9.91 13.16
CA GLY A 188 16.93 10.09 12.65
C GLY A 188 17.96 9.19 13.31
N ARG A 189 17.53 8.40 14.29
CA ARG A 189 18.42 7.41 14.89
C ARG A 189 18.94 6.45 13.82
N PRO A 190 20.26 6.17 13.84
CA PRO A 190 20.76 5.14 12.92
C PRO A 190 20.11 3.81 13.25
N ALA A 191 19.65 3.11 12.23
CA ALA A 191 18.99 1.84 12.45
C ALA A 191 19.89 0.93 13.27
N ALA A 192 21.19 1.00 13.00
CA ALA A 192 22.14 0.13 13.67
C ALA A 192 22.31 0.50 15.15
N SER A 193 21.81 1.67 15.53
CA SER A 193 21.99 2.16 16.90
C SER A 193 20.92 1.63 17.85
N LEU A 194 19.90 1.00 17.30
CA LEU A 194 18.80 0.50 18.11
C LEU A 194 19.16 -0.77 18.89
N SER A 195 18.86 -0.76 20.18
CA SER A 195 19.02 -1.95 21.02
C SER A 195 17.98 -3.02 20.70
N SER A 196 18.26 -4.24 21.13
CA SER A 196 17.31 -5.34 20.97
C SER A 196 15.95 -4.98 21.55
N LYS A 197 15.96 -4.39 22.73
CA LYS A 197 14.73 -3.99 23.39
C LYS A 197 13.96 -2.99 22.52
N GLU A 198 14.70 -2.08 21.89
CA GLU A 198 14.12 -1.06 21.01
C GLU A 198 13.54 -1.69 19.75
N ILE A 199 14.24 -2.69 19.20
CA ILE A 199 13.75 -3.42 18.04
C ILE A 199 12.41 -4.08 18.32
N GLU A 200 12.34 -4.84 19.40
CA GLU A 200 11.10 -5.52 19.80
C GLU A 200 10.00 -4.50 19.99
N ARG A 201 10.39 -3.39 20.61
CA ARG A 201 9.50 -2.26 20.84
C ARG A 201 8.93 -1.71 19.53
N LEU A 202 9.82 -1.45 18.58
CA LEU A 202 9.40 -0.89 17.31
C LEU A 202 8.54 -1.89 16.53
N HIS A 203 8.95 -3.15 16.50
CA HIS A 203 8.18 -4.17 15.81
C HIS A 203 6.77 -4.26 16.37
N GLU A 204 6.68 -4.29 17.69
CA GLU A 204 5.38 -4.39 18.35
C GLU A 204 4.49 -3.18 18.06
N GLU A 205 5.09 -1.98 17.99
CA GLU A 205 4.28 -0.81 17.69
C GLU A 205 3.93 -0.70 16.21
N MET A 206 4.83 -1.16 15.34
CA MET A 206 4.51 -1.20 13.92
C MET A 206 3.29 -2.07 13.70
N VAL A 207 3.28 -3.23 14.34
CA VAL A 207 2.17 -4.18 14.18
C VAL A 207 0.88 -3.61 14.78
N ALA A 208 1.01 -2.98 15.95
CA ALA A 208 -0.15 -2.39 16.61
C ALA A 208 -0.71 -1.24 15.80
N THR A 209 0.16 -0.46 15.17
CA THR A 209 -0.27 0.70 14.43
C THR A 209 -1.07 0.26 13.20
N ILE A 210 -0.49 -0.63 12.41
CA ILE A 210 -1.15 -1.15 11.23
C ILE A 210 -2.38 -1.96 11.61
N GLY A 211 -2.22 -2.83 12.60
CA GLY A 211 -3.28 -3.73 13.03
C GLY A 211 -4.53 -3.03 13.51
N GLU A 212 -4.36 -2.01 14.35
CA GLU A 212 -5.48 -1.24 14.88
C GLU A 212 -6.24 -0.52 13.78
N ALA A 213 -5.49 -0.02 12.79
CA ALA A 213 -6.12 0.66 11.66
C ALA A 213 -6.90 -0.31 10.76
N VAL A 214 -6.34 -1.50 10.50
CA VAL A 214 -6.99 -2.52 9.68
C VAL A 214 -8.29 -3.00 10.32
N MET A 215 -8.24 -3.30 11.61
CA MET A 215 -9.42 -3.72 12.36
C MET A 215 -10.42 -2.56 12.50
N LYS A 216 -10.09 -1.58 13.34
CA LYS A 216 -10.96 -0.43 13.55
C LYS A 216 -10.88 0.55 12.39
N HIS A 237 -6.89 10.03 15.02
CA HIS A 237 -6.22 9.35 16.12
C HIS A 237 -4.68 9.36 15.97
N LEU A 238 -4.16 10.45 15.42
CA LEU A 238 -2.71 10.59 15.21
C LEU A 238 -1.98 11.25 16.40
N TYR A 239 -0.74 10.85 16.61
CA TYR A 239 0.08 11.41 17.69
C TYR A 239 0.97 12.52 17.19
N VAL A 240 1.57 12.32 16.03
CA VAL A 240 2.57 13.26 15.56
C VAL A 240 2.35 13.74 14.12
N TYR A 241 1.90 12.83 13.26
CA TYR A 241 1.84 13.16 11.83
C TYR A 241 0.96 14.38 11.54
N GLY A 242 1.57 15.41 10.95
CA GLY A 242 0.87 16.64 10.62
C GLY A 242 0.63 17.59 11.77
N ARG A 243 0.93 17.16 13.00
CA ARG A 243 0.55 17.92 14.18
C ARG A 243 1.60 18.91 14.68
N GLN A 244 2.58 19.23 13.84
CA GLN A 244 3.68 20.08 14.30
C GLN A 244 3.10 21.38 14.84
N GLY A 245 3.70 21.88 15.92
CA GLY A 245 3.19 23.05 16.60
C GLY A 245 2.12 22.75 17.63
N ASN A 246 1.52 21.55 17.56
CA ASN A 246 0.53 21.16 18.56
C ASN A 246 1.18 20.37 19.70
N PRO A 247 0.55 20.39 20.88
CA PRO A 247 1.13 19.70 22.02
C PRO A 247 1.05 18.18 21.83
N CYS A 248 2.15 17.50 22.14
CA CYS A 248 2.17 16.04 22.21
C CYS A 248 1.04 15.57 23.10
N LYS A 249 0.35 14.52 22.68
CA LYS A 249 -0.79 13.99 23.41
C LYS A 249 -0.38 13.18 24.64
N ARG A 250 0.89 12.81 24.70
CA ARG A 250 1.40 12.13 25.89
C ARG A 250 2.19 13.00 26.88
N CYS A 251 2.91 14.01 26.41
CA CYS A 251 3.68 14.85 27.35
C CYS A 251 3.44 16.33 27.22
N GLY A 252 2.73 16.74 26.18
CA GLY A 252 2.42 18.16 26.00
C GLY A 252 3.50 18.98 25.33
N THR A 253 4.68 18.40 25.14
CA THR A 253 5.73 19.06 24.35
C THR A 253 5.28 19.34 22.91
N PRO A 254 5.60 20.53 22.38
CA PRO A 254 5.17 20.77 20.99
C PRO A 254 5.77 19.77 19.99
N ILE A 255 4.92 19.18 19.15
CA ILE A 255 5.41 18.30 18.08
C ILE A 255 6.25 19.10 17.09
N GLU A 256 7.36 18.50 16.66
CA GLU A 256 8.23 19.16 15.69
C GLU A 256 8.20 18.49 14.33
N LYS A 257 8.78 19.16 13.34
CA LYS A 257 8.83 18.66 11.97
C LYS A 257 10.18 19.00 11.34
N THR A 258 10.84 18.00 10.80
CA THR A 258 12.13 18.20 10.16
C THR A 258 12.23 17.36 8.90
N VAL A 259 13.45 17.25 8.38
CA VAL A 259 13.71 16.39 7.22
C VAL A 259 14.65 15.27 7.64
N VAL A 260 14.16 14.05 7.49
CA VAL A 260 14.97 12.85 7.70
C VAL A 260 14.71 11.92 6.52
N ALA A 261 15.79 11.40 5.93
CA ALA A 261 15.66 10.55 4.75
C ALA A 261 14.91 11.29 3.64
N GLY A 262 15.26 12.57 3.46
CA GLY A 262 14.61 13.42 2.47
C GLY A 262 13.10 13.44 2.61
N ARG A 263 12.62 13.31 3.84
CA ARG A 263 11.18 13.30 4.09
C ARG A 263 10.81 14.21 5.25
N GLY A 264 9.59 14.74 5.18
CA GLY A 264 9.04 15.55 6.25
C GLY A 264 8.66 14.64 7.41
N THR A 265 9.40 14.78 8.49
CA THR A 265 9.29 13.87 9.62
C THR A 265 8.71 14.58 10.85
N HIS A 266 7.73 13.94 11.48
CA HIS A 266 7.01 14.48 12.62
C HIS A 266 7.35 13.66 13.87
N TYR A 267 7.69 14.36 14.95
CA TYR A 267 8.11 13.66 16.16
C TYR A 267 7.98 14.52 17.41
N CYS A 268 7.99 13.86 18.57
CA CYS A 268 8.07 14.55 19.85
C CYS A 268 9.49 14.42 20.38
N PRO A 269 10.16 15.55 20.60
CA PRO A 269 11.56 15.52 21.02
C PRO A 269 11.69 15.09 22.47
N ARG A 270 10.58 14.95 23.18
CA ARG A 270 10.67 14.49 24.56
C ARG A 270 10.39 13.00 24.69
N CYS A 271 9.30 12.54 24.07
CA CYS A 271 8.96 11.11 24.11
C CYS A 271 9.91 10.26 23.28
N GLN A 272 10.47 10.82 22.22
CA GLN A 272 11.30 10.00 21.37
C GLN A 272 12.79 10.23 21.62
N ARG A 273 13.54 9.14 21.69
CA ARG A 273 14.96 9.17 22.05
C ARG A 273 15.86 8.45 21.02
P TX2 C 11 7.94 -0.66 -6.90
S TX2 C 11 9.95 -3.18 -2.80
N1 TX2 C 11 11.91 3.15 -7.79
C2 TX2 C 11 12.51 4.39 -7.95
O2 TX2 C 11 12.52 4.94 -9.05
N3 TX2 C 11 13.09 5.04 -6.84
C4 TX2 C 11 13.08 4.43 -5.59
N4 TX2 C 11 8.02 -2.10 -6.20
O4 TX2 C 11 13.60 5.01 -4.63
C5 TX2 C 11 12.48 3.17 -5.43
C6 TX2 C 11 11.90 2.53 -6.52
C7 TX2 C 11 12.46 2.50 -4.06
C1' TX2 C 11 11.29 2.48 -8.95
C2' TX2 C 11 11.88 1.09 -9.21
C3' TX2 C 11 10.79 0.45 -10.09
O3' TX2 C 11 11.08 0.67 -11.48
C4' TX2 C 11 9.52 1.25 -9.73
O4' TX2 C 11 9.91 2.20 -8.69
C5' TX2 C 11 8.39 0.30 -9.26
O5' TX2 C 11 8.82 -0.62 -8.24
C7' TX2 C 11 9.19 -2.47 -5.39
C8' TX2 C 11 8.74 -3.26 -4.17
OP1 TX2 C 11 6.54 -0.32 -7.26
ZN ZN D . 5.76 13.70 23.94
#